data_1ZG1
#
_entry.id   1ZG1
#
_cell.length_a   76.580
_cell.length_b   52.820
_cell.length_c   84.970
_cell.angle_alpha   90.00
_cell.angle_beta   90.07
_cell.angle_gamma   90.00
#
_symmetry.space_group_name_H-M   'P 1 21 1'
#
loop_
_entity.id
_entity.type
_entity.pdbx_description
1 polymer "5'-D(*CP*GP*TP*AP*CP*TP*CP*CP*TP*TP*AP*AP*TP*GP*GP*GP*TP*AP*CP*G)-3'"
2 polymer "5'-D(*CP*GP*TP*AP*CP*CP*CP*AP*TP*TP*AP*AP*GP*GP*AP*GP*TP*AP*CP*G)-3'"
3 polymer 'Nitrate/nitrite response regulator protein narL'
4 non-polymer 'SULFATE ION'
5 water water
#
loop_
_entity_poly.entity_id
_entity_poly.type
_entity_poly.pdbx_seq_one_letter_code
_entity_poly.pdbx_strand_id
1 'polydeoxyribonucleotide' (DC)(DG)(DT)(DA)(DC)(DT)(DC)(DC)(DT)(DT)(DA)(DA)(DT)(DG)(DG)(DG)(DT)(DA)(DC)(DG) C,H
2 'polydeoxyribonucleotide' (DC)(DG)(DT)(DA)(DC)(DC)(DC)(DA)(DT)(DT)(DA)(DA)(DG)(DG)(DA)(DG)(DT)(DA)(DC)(DG) D,G
3 'polypeptide(L)'
;(MSE)RGSHHHHHHGSATTERDVNQLTPRERDILKLIAQGLPNK(MSE)IARRLDITESTVKVHVKH(MSE)LKK(MSE)
KLKSRVEAAVWVHQERIF
;
A,B,E,F
#
# COMPACT_ATOMS: atom_id res chain seq x y z
N ARG E 17 34.25 14.30 -8.17
CA ARG E 17 33.92 14.90 -6.84
C ARG E 17 34.34 14.01 -5.68
N ASP E 18 35.54 14.29 -5.15
CA ASP E 18 36.13 13.54 -4.04
C ASP E 18 36.44 14.46 -2.86
N VAL E 19 36.08 14.00 -1.66
CA VAL E 19 36.28 14.78 -0.44
C VAL E 19 37.73 14.98 -0.02
N ASN E 20 38.64 14.19 -0.59
CA ASN E 20 40.05 14.29 -0.23
C ASN E 20 40.78 15.50 -0.80
N GLN E 21 40.23 16.10 -1.84
CA GLN E 21 40.85 17.28 -2.44
C GLN E 21 40.71 18.48 -1.50
N LEU E 22 39.72 18.43 -0.61
CA LEU E 22 39.50 19.52 0.33
C LEU E 22 40.60 19.50 1.37
N THR E 23 40.72 20.61 2.09
CA THR E 23 41.71 20.75 3.14
C THR E 23 41.04 20.30 4.43
N PRO E 24 41.83 20.15 5.51
CA PRO E 24 41.26 19.73 6.79
C PRO E 24 40.20 20.72 7.27
N ARG E 25 40.54 22.01 7.27
CA ARG E 25 39.61 23.05 7.71
C ARG E 25 38.32 22.97 6.91
N GLU E 26 38.46 22.79 5.59
CA GLU E 26 37.34 22.71 4.70
C GLU E 26 36.42 21.55 5.05
N ARG E 27 37.01 20.40 5.38
CA ARG E 27 36.21 19.23 5.75
C ARG E 27 35.55 19.53 7.09
N ASP E 28 36.25 20.26 7.96
CA ASP E 28 35.66 20.59 9.26
C ASP E 28 34.35 21.32 9.00
N ILE E 29 34.40 22.33 8.13
CA ILE E 29 33.22 23.12 7.79
C ILE E 29 32.12 22.29 7.10
N LEU E 30 32.51 21.47 6.12
CA LEU E 30 31.53 20.65 5.41
C LEU E 30 30.80 19.71 6.37
N LYS E 31 31.53 19.18 7.35
CA LYS E 31 30.91 18.28 8.31
C LYS E 31 29.85 19.04 9.09
N LEU E 32 30.20 20.26 9.52
CA LEU E 32 29.26 21.07 10.28
C LEU E 32 28.06 21.50 9.45
N ILE E 33 28.28 21.76 8.16
CA ILE E 33 27.20 22.15 7.26
C ILE E 33 26.25 20.96 7.08
N ALA E 34 26.82 19.77 6.97
CA ALA E 34 26.02 18.56 6.77
C ALA E 34 25.16 18.31 8.00
N GLN E 35 25.54 18.90 9.12
CA GLN E 35 24.77 18.75 10.35
C GLN E 35 23.74 19.87 10.43
N GLY E 36 23.66 20.68 9.37
CA GLY E 36 22.67 21.76 9.31
C GLY E 36 22.94 23.08 10.01
N LEU E 37 24.20 23.38 10.30
CA LEU E 37 24.56 24.62 10.98
C LEU E 37 24.81 25.84 10.09
N PRO E 38 24.33 27.01 10.50
CA PRO E 38 24.55 28.21 9.69
C PRO E 38 26.00 28.70 9.96
N ASN E 39 26.54 29.58 9.11
CA ASN E 39 27.90 30.06 9.28
C ASN E 39 28.19 30.60 10.68
N LYS E 40 27.31 31.44 11.22
CA LYS E 40 27.54 31.98 12.56
C LYS E 40 27.78 30.86 13.59
N ILE E 42 28.78 27.69 13.00
CA ILE E 42 30.02 26.99 12.68
C ILE E 42 31.19 27.76 13.28
N ALA E 43 31.16 29.08 13.15
CA ALA E 43 32.23 29.93 13.67
C ALA E 43 32.38 29.82 15.18
N ARG E 44 31.27 29.77 15.89
CA ARG E 44 31.31 29.68 17.34
C ARG E 44 31.79 28.29 17.75
N ARG E 45 31.39 27.29 16.99
CA ARG E 45 31.78 25.92 17.28
C ARG E 45 33.29 25.72 17.04
N LEU E 46 33.83 26.36 16.01
CA LEU E 46 35.25 26.21 15.68
C LEU E 46 36.08 27.34 16.28
N ASP E 47 35.41 28.30 16.88
CA ASP E 47 36.09 29.42 17.49
C ASP E 47 36.92 30.26 16.52
N ILE E 48 36.30 30.61 15.40
CA ILE E 48 36.92 31.46 14.39
C ILE E 48 35.80 32.40 13.98
N THR E 49 36.12 33.42 13.18
CA THR E 49 35.10 34.39 12.78
C THR E 49 34.23 33.88 11.65
N GLU E 50 33.08 34.52 11.48
CA GLU E 50 32.17 34.13 10.42
C GLU E 50 32.88 34.35 9.07
N SER E 51 33.65 35.42 8.98
CA SER E 51 34.40 35.75 7.78
C SER E 51 35.21 34.58 7.30
N THR E 52 35.99 34.00 8.21
CA THR E 52 36.84 32.88 7.86
C THR E 52 35.99 31.68 7.42
N VAL E 53 34.87 31.47 8.11
CA VAL E 53 33.99 30.36 7.77
C VAL E 53 33.56 30.52 6.31
N LYS E 54 33.07 31.70 5.97
CA LYS E 54 32.61 31.97 4.61
C LYS E 54 33.70 31.67 3.58
N VAL E 55 34.95 32.07 3.89
CA VAL E 55 36.06 31.81 2.99
C VAL E 55 36.16 30.30 2.78
N HIS E 56 36.17 29.54 3.87
CA HIS E 56 36.24 28.08 3.75
C HIS E 56 35.02 27.55 2.99
N VAL E 57 33.85 28.12 3.23
CA VAL E 57 32.68 27.63 2.53
C VAL E 57 32.78 27.82 1.03
N LYS E 58 33.11 29.03 0.58
CA LYS E 58 33.16 29.24 -0.87
C LYS E 58 34.26 28.41 -1.53
N HIS E 59 35.39 28.23 -0.86
CA HIS E 59 36.46 27.42 -1.43
C HIS E 59 35.95 26.00 -1.60
N LEU E 61 32.88 24.96 -1.81
CA LEU E 61 31.84 24.96 -2.83
C LEU E 61 32.41 24.99 -4.27
N LYS E 62 33.53 25.69 -4.47
CA LYS E 62 34.12 25.75 -5.80
C LYS E 62 34.85 24.45 -6.13
N LYS E 63 35.62 23.93 -5.18
CA LYS E 63 36.35 22.69 -5.40
C LYS E 63 35.43 21.49 -5.63
N LYS E 65 32.49 21.68 -6.73
CA LYS E 65 31.57 22.03 -7.80
C LYS E 65 30.09 21.92 -7.38
N LEU E 66 29.79 22.44 -6.19
CA LEU E 66 28.44 22.43 -5.65
C LEU E 66 27.92 23.86 -5.71
N LYS E 67 26.62 24.00 -5.96
CA LYS E 67 25.99 25.31 -6.08
C LYS E 67 25.64 25.97 -4.76
N SER E 68 25.47 25.18 -3.69
CA SER E 68 25.10 25.77 -2.42
C SER E 68 25.37 24.85 -1.26
N ARG E 69 25.35 25.41 -0.05
CA ARG E 69 25.58 24.63 1.14
C ARG E 69 24.54 23.48 1.28
N VAL E 70 23.33 23.69 0.77
CA VAL E 70 22.31 22.65 0.85
C VAL E 70 22.74 21.47 -0.02
N GLU E 71 23.20 21.76 -1.24
CA GLU E 71 23.68 20.71 -2.14
C GLU E 71 24.79 19.96 -1.41
N ALA E 72 25.66 20.71 -0.74
CA ALA E 72 26.76 20.09 -0.01
C ALA E 72 26.24 19.20 1.11
N ALA E 73 25.16 19.65 1.75
CA ALA E 73 24.57 18.89 2.84
C ALA E 73 23.95 17.60 2.32
N VAL E 74 23.23 17.70 1.20
CA VAL E 74 22.58 16.54 0.62
C VAL E 74 23.61 15.57 0.04
N TRP E 75 24.63 16.11 -0.60
CA TRP E 75 25.69 15.30 -1.18
C TRP E 75 26.31 14.45 -0.07
N VAL E 76 26.70 15.09 1.02
CA VAL E 76 27.32 14.40 2.16
C VAL E 76 26.49 13.23 2.70
N HIS E 77 25.17 13.38 2.69
CA HIS E 77 24.29 12.33 3.20
C HIS E 77 24.03 11.22 2.20
N GLN E 78 23.90 11.57 0.92
CA GLN E 78 23.66 10.58 -0.12
C GLN E 78 24.88 9.69 -0.31
N GLU E 79 26.04 10.32 -0.47
CA GLU E 79 27.30 9.61 -0.66
C GLU E 79 27.90 9.10 0.64
N ARG E 80 27.15 9.21 1.73
CA ARG E 80 27.63 8.76 3.04
C ARG E 80 29.11 9.02 3.22
N ILE E 81 29.51 10.28 3.02
CA ILE E 81 30.90 10.71 3.11
C ILE E 81 31.44 10.79 4.53
N PHE E 82 30.55 10.88 5.51
CA PHE E 82 30.99 10.95 6.91
C PHE E 82 30.18 9.99 7.77
N ARG F 17 7.71 16.11 15.85
CA ARG F 17 8.03 16.39 14.42
C ARG F 17 7.56 15.26 13.52
N ASP F 18 6.44 15.48 12.83
CA ASP F 18 5.87 14.47 11.94
C ASP F 18 5.46 15.07 10.60
N VAL F 19 5.94 14.46 9.52
CA VAL F 19 5.68 14.93 8.16
C VAL F 19 4.21 14.87 7.76
N ASN F 20 3.46 14.00 8.41
CA ASN F 20 2.04 13.82 8.12
C ASN F 20 1.22 15.05 8.43
N GLN F 21 1.71 15.88 9.35
CA GLN F 21 0.99 17.10 9.71
C GLN F 21 1.08 18.19 8.65
N LEU F 22 1.96 18.00 7.68
CA LEU F 22 2.11 18.98 6.61
C LEU F 22 1.06 18.72 5.55
N THR F 23 0.89 19.68 4.66
CA THR F 23 -0.07 19.52 3.59
C THR F 23 0.66 18.85 2.42
N PRO F 24 -0.09 18.38 1.42
CA PRO F 24 0.56 17.75 0.28
C PRO F 24 1.59 18.68 -0.40
N ARG F 25 1.17 19.92 -0.69
CA ARG F 25 2.07 20.87 -1.35
C ARG F 25 3.32 21.11 -0.51
N GLU F 26 3.15 21.16 0.80
CA GLU F 26 4.27 21.37 1.70
C GLU F 26 5.25 20.21 1.63
N ARG F 27 4.75 19.00 1.44
CA ARG F 27 5.63 17.84 1.33
C ARG F 27 6.28 17.89 -0.04
N ASP F 28 5.56 18.45 -1.01
CA ASP F 28 6.11 18.58 -2.36
C ASP F 28 7.37 19.45 -2.29
N ILE F 29 7.26 20.56 -1.56
CA ILE F 29 8.36 21.49 -1.39
C ILE F 29 9.49 20.82 -0.61
N LEU F 30 9.16 20.22 0.54
CA LEU F 30 10.16 19.56 1.37
C LEU F 30 10.98 18.57 0.54
N LYS F 31 10.29 17.78 -0.29
CA LYS F 31 11.00 16.82 -1.11
C LYS F 31 12.02 17.50 -2.01
N LEU F 32 11.61 18.55 -2.69
CA LEU F 32 12.54 19.25 -3.57
C LEU F 32 13.69 19.93 -2.80
N ILE F 33 13.43 20.35 -1.57
CA ILE F 33 14.47 20.97 -0.77
C ILE F 33 15.52 19.94 -0.34
N ALA F 34 15.05 18.75 0.03
CA ALA F 34 15.95 17.69 0.46
C ALA F 34 16.78 17.21 -0.71
N GLN F 35 16.37 17.62 -1.92
CA GLN F 35 17.11 17.28 -3.13
C GLN F 35 18.02 18.47 -3.47
N GLY F 36 18.15 19.39 -2.52
CA GLY F 36 19.01 20.55 -2.68
C GLY F 36 18.66 21.65 -3.67
N LEU F 37 17.38 21.79 -4.01
CA LEU F 37 16.99 22.83 -4.96
C LEU F 37 16.64 24.16 -4.33
N PRO F 38 17.08 25.26 -4.96
CA PRO F 38 16.75 26.58 -4.40
C PRO F 38 15.28 26.89 -4.73
N ASN F 39 14.72 27.92 -4.11
CA ASN F 39 13.32 28.28 -4.34
C ASN F 39 12.97 28.49 -5.80
N LYS F 40 13.83 29.21 -6.53
CA LYS F 40 13.58 29.50 -7.93
C LYS F 40 13.38 28.22 -8.74
N ILE F 42 12.55 25.19 -7.48
CA ILE F 42 11.37 24.49 -6.98
C ILE F 42 10.14 25.04 -7.69
N ALA F 43 10.11 26.36 -7.86
CA ALA F 43 8.99 27.03 -8.51
C ALA F 43 8.80 26.54 -9.94
N ARG F 44 9.89 26.53 -10.71
CA ARG F 44 9.82 26.08 -12.08
C ARG F 44 9.41 24.60 -12.15
N ARG F 45 9.94 23.79 -11.26
CA ARG F 45 9.60 22.38 -11.27
C ARG F 45 8.10 22.21 -11.01
N LEU F 46 7.57 23.04 -10.13
CA LEU F 46 6.16 22.99 -9.75
C LEU F 46 5.25 23.90 -10.55
N ASP F 47 5.83 24.67 -11.46
CA ASP F 47 5.02 25.57 -12.25
C ASP F 47 4.21 26.51 -11.35
N ILE F 48 4.87 27.09 -10.35
CA ILE F 48 4.24 28.06 -9.47
C ILE F 48 5.28 29.15 -9.30
N THR F 49 4.91 30.29 -8.72
CA THR F 49 5.87 31.37 -8.55
C THR F 49 6.77 31.12 -7.36
N GLU F 50 7.90 31.81 -7.32
CA GLU F 50 8.83 31.67 -6.21
C GLU F 50 8.12 32.16 -4.94
N SER F 51 7.35 33.23 -5.08
CA SER F 51 6.60 33.78 -3.95
C SER F 51 5.79 32.69 -3.27
N THR F 52 5.09 31.89 -4.05
CA THR F 52 4.26 30.83 -3.49
C THR F 52 5.14 29.75 -2.87
N VAL F 53 6.28 29.48 -3.50
CA VAL F 53 7.18 28.49 -2.95
C VAL F 53 7.60 28.96 -1.55
N LYS F 54 7.96 30.24 -1.44
CA LYS F 54 8.37 30.80 -0.16
C LYS F 54 7.33 30.67 0.94
N VAL F 55 6.07 30.84 0.60
CA VAL F 55 4.99 30.71 1.59
C VAL F 55 5.03 29.28 2.14
N HIS F 56 5.02 28.29 1.24
CA HIS F 56 5.08 26.88 1.64
C HIS F 56 6.33 26.55 2.47
N VAL F 57 7.48 27.04 2.06
CA VAL F 57 8.70 26.77 2.82
C VAL F 57 8.55 27.31 4.24
N LYS F 58 8.07 28.55 4.34
CA LYS F 58 7.88 29.19 5.63
C LYS F 58 6.94 28.38 6.53
N HIS F 59 5.79 28.00 5.99
CA HIS F 59 4.81 27.23 6.73
C HIS F 59 5.41 25.91 7.20
N LEU F 61 8.53 25.08 7.61
CA LEU F 61 9.54 25.26 8.65
C LEU F 61 8.94 25.53 10.04
N LYS F 62 7.94 26.41 10.10
CA LYS F 62 7.34 26.71 11.40
C LYS F 62 6.64 25.47 11.96
N LYS F 63 5.90 24.76 11.11
CA LYS F 63 5.19 23.57 11.55
C LYS F 63 6.11 22.41 11.93
N LYS F 65 9.19 22.92 13.07
CA LYS F 65 10.13 23.43 14.05
C LYS F 65 11.60 23.35 13.61
N LEU F 66 11.85 23.59 12.32
CA LEU F 66 13.20 23.61 11.77
C LEU F 66 13.61 25.07 11.62
N LYS F 67 14.90 25.35 11.82
CA LYS F 67 15.40 26.71 11.73
C LYS F 67 15.72 27.19 10.32
N SER F 68 15.90 26.27 9.38
CA SER F 68 16.24 26.62 8.01
C SER F 68 16.04 25.44 7.07
N ARG F 69 16.11 25.71 5.77
CA ARG F 69 15.92 24.68 4.77
C ARG F 69 17.03 23.61 4.85
N VAL F 70 18.20 23.99 5.36
CA VAL F 70 19.28 23.01 5.48
C VAL F 70 18.89 21.99 6.55
N GLU F 71 18.49 22.48 7.72
CA GLU F 71 18.05 21.58 8.79
C GLU F 71 16.96 20.70 8.18
N ALA F 72 16.08 21.31 7.40
CA ALA F 72 14.98 20.58 6.78
C ALA F 72 15.52 19.47 5.88
N ALA F 73 16.59 19.78 5.15
CA ALA F 73 17.20 18.82 4.25
C ALA F 73 17.93 17.71 5.01
N VAL F 74 18.66 18.07 6.06
CA VAL F 74 19.39 17.10 6.84
C VAL F 74 18.44 16.20 7.58
N TRP F 75 17.33 16.75 8.07
CA TRP F 75 16.29 16.00 8.78
C TRP F 75 15.79 14.90 7.86
N VAL F 76 15.22 15.30 6.73
CA VAL F 76 14.69 14.36 5.76
C VAL F 76 15.67 13.21 5.51
N HIS F 77 16.95 13.50 5.43
CA HIS F 77 17.93 12.47 5.18
C HIS F 77 18.28 11.59 6.36
N GLN F 78 18.51 12.19 7.53
CA GLN F 78 18.85 11.39 8.70
C GLN F 78 17.69 10.52 9.15
N GLU F 79 16.50 11.10 9.15
CA GLU F 79 15.29 10.40 9.56
C GLU F 79 14.69 9.58 8.42
N ARG F 80 15.38 9.52 7.30
CA ARG F 80 14.89 8.75 6.15
C ARG F 80 13.40 9.04 5.89
N ILE F 81 13.02 10.30 5.93
CA ILE F 81 11.64 10.71 5.72
C ILE F 81 11.03 10.34 4.37
N PHE F 82 11.83 10.37 3.31
CA PHE F 82 11.34 10.04 1.98
C PHE F 82 12.22 9.00 1.29
N ARG G 17 -7.81 -30.39 -14.06
CA ARG G 17 -7.82 -29.88 -12.66
C ARG G 17 -7.13 -30.83 -11.69
N ASP G 18 -6.10 -30.32 -11.04
CA ASP G 18 -5.35 -31.08 -10.04
C ASP G 18 -5.01 -30.14 -8.90
N VAL G 19 -5.46 -30.50 -7.70
CA VAL G 19 -5.23 -29.66 -6.52
C VAL G 19 -3.76 -29.55 -6.15
N ASN G 20 -2.97 -30.52 -6.60
CA ASN G 20 -1.55 -30.52 -6.29
C ASN G 20 -0.82 -29.36 -6.95
N GLN G 21 -1.42 -28.81 -8.01
CA GLN G 21 -0.84 -27.68 -8.72
C GLN G 21 -0.99 -26.39 -7.91
N LEU G 22 -1.82 -26.42 -6.87
CA LEU G 22 -2.02 -25.24 -6.03
C LEU G 22 -0.92 -25.20 -4.99
N THR G 23 -0.86 -24.11 -4.26
CA THR G 23 0.13 -23.95 -3.21
C THR G 23 -0.53 -24.37 -1.89
N PRO G 24 0.27 -24.49 -0.82
CA PRO G 24 -0.32 -24.87 0.46
C PRO G 24 -1.39 -23.88 0.93
N ARG G 25 -1.09 -22.58 0.90
CA ARG G 25 -2.07 -21.58 1.33
C ARG G 25 -3.34 -21.68 0.50
N GLU G 26 -3.16 -21.83 -0.81
CA GLU G 26 -4.27 -21.94 -1.72
C GLU G 26 -5.20 -23.08 -1.32
N ARG G 27 -4.63 -24.23 -0.97
CA ARG G 27 -5.47 -25.34 -0.56
C ARG G 27 -6.14 -24.98 0.76
N ASP G 28 -5.42 -24.30 1.63
CA ASP G 28 -5.99 -23.89 2.91
C ASP G 28 -7.31 -23.17 2.68
N ILE G 29 -7.28 -22.19 1.77
CA ILE G 29 -8.47 -21.42 1.45
C ILE G 29 -9.52 -22.30 0.78
N LEU G 30 -9.12 -23.09 -0.22
CA LEU G 30 -10.07 -23.94 -0.91
C LEU G 30 -10.83 -24.81 0.09
N LYS G 31 -10.11 -25.35 1.07
CA LYS G 31 -10.78 -26.18 2.08
C LYS G 31 -11.82 -25.36 2.80
N LEU G 32 -11.46 -24.14 3.22
CA LEU G 32 -12.40 -23.30 3.92
C LEU G 32 -13.57 -22.83 3.03
N ILE G 33 -13.32 -22.65 1.73
CA ILE G 33 -14.36 -22.25 0.78
C ILE G 33 -15.41 -23.36 0.70
N ALA G 34 -14.92 -24.60 0.65
CA ALA G 34 -15.79 -25.75 0.51
C ALA G 34 -16.58 -26.05 1.77
N GLN G 35 -16.24 -25.35 2.85
CA GLN G 35 -16.97 -25.50 4.11
C GLN G 35 -17.91 -24.31 4.19
N GLY G 36 -18.13 -23.67 3.04
CA GLY G 36 -19.03 -22.53 2.94
C GLY G 36 -18.69 -21.20 3.60
N LEU G 37 -17.43 -20.97 3.95
CA LEU G 37 -17.04 -19.73 4.60
C LEU G 37 -16.75 -18.56 3.68
N PRO G 38 -17.25 -17.37 4.04
CA PRO G 38 -16.98 -16.18 3.20
C PRO G 38 -15.53 -15.74 3.47
N ASN G 39 -15.01 -14.84 2.65
CA ASN G 39 -13.64 -14.38 2.83
C ASN G 39 -13.32 -13.83 4.21
N LYS G 40 -14.18 -12.95 4.71
CA LYS G 40 -13.96 -12.36 6.04
C LYS G 40 -13.79 -13.43 7.12
N ILE G 42 -12.83 -16.66 6.60
CA ILE G 42 -11.62 -17.40 6.27
C ILE G 42 -10.42 -16.64 6.83
N ALA G 43 -10.46 -15.31 6.71
CA ALA G 43 -9.35 -14.50 7.19
C ALA G 43 -9.18 -14.65 8.70
N ARG G 44 -10.28 -14.52 9.42
CA ARG G 44 -10.22 -14.65 10.87
C ARG G 44 -9.75 -16.03 11.28
N ARG G 45 -10.17 -17.04 10.52
CA ARG G 45 -9.78 -18.40 10.84
C ARG G 45 -8.26 -18.57 10.62
N LEU G 46 -7.75 -17.94 9.57
CA LEU G 46 -6.35 -18.04 9.23
C LEU G 46 -5.48 -16.92 9.78
N ASP G 47 -6.09 -16.01 10.51
CA ASP G 47 -5.32 -14.92 11.08
C ASP G 47 -4.55 -14.12 10.02
N ILE G 48 -5.18 -13.85 8.89
CA ILE G 48 -4.59 -13.03 7.84
C ILE G 48 -5.69 -12.06 7.45
N THR G 49 -5.35 -11.01 6.70
CA THR G 49 -6.36 -10.05 6.30
C THR G 49 -7.26 -10.59 5.19
N GLU G 50 -8.43 -10.00 5.02
CA GLU G 50 -9.36 -10.43 3.99
C GLU G 50 -8.68 -10.21 2.64
N SER G 51 -7.96 -9.10 2.52
CA SER G 51 -7.25 -8.77 1.29
C SER G 51 -6.39 -9.93 0.82
N THR G 52 -5.62 -10.51 1.75
CA THR G 52 -4.74 -11.62 1.43
C THR G 52 -5.54 -12.84 1.02
N VAL G 53 -6.67 -13.06 1.69
CA VAL G 53 -7.52 -14.19 1.34
C VAL G 53 -7.98 -14.03 -0.11
N LYS G 54 -8.43 -12.82 -0.46
CA LYS G 54 -8.90 -12.55 -1.81
C LYS G 54 -7.86 -12.86 -2.87
N VAL G 55 -6.59 -12.57 -2.58
CA VAL G 55 -5.50 -12.85 -3.51
C VAL G 55 -5.41 -14.36 -3.72
N HIS G 56 -5.39 -15.12 -2.62
CA HIS G 56 -5.32 -16.58 -2.73
C HIS G 56 -6.55 -17.11 -3.49
N VAL G 57 -7.72 -16.54 -3.22
CA VAL G 57 -8.91 -16.99 -3.90
C VAL G 57 -8.80 -16.83 -5.41
N LYS G 58 -8.41 -15.65 -5.89
CA LYS G 58 -8.35 -15.48 -7.34
C LYS G 58 -7.25 -16.32 -7.99
N HIS G 59 -6.12 -16.50 -7.32
CA HIS G 59 -5.05 -17.32 -7.88
C HIS G 59 -5.58 -18.73 -8.06
N LEU G 61 -8.64 -19.77 -8.30
CA LEU G 61 -9.66 -19.84 -9.34
C LEU G 61 -9.07 -19.83 -10.76
N LYS G 62 -8.05 -18.99 -10.98
CA LYS G 62 -7.44 -18.94 -12.30
C LYS G 62 -6.69 -20.24 -12.60
N LYS G 63 -6.00 -20.78 -11.59
CA LYS G 63 -5.26 -22.01 -11.77
C LYS G 63 -6.16 -23.25 -11.90
N LYS G 65 -9.20 -23.10 -13.09
CA LYS G 65 -10.16 -22.81 -14.15
C LYS G 65 -11.62 -22.86 -13.72
N LEU G 66 -11.88 -22.37 -12.50
CA LEU G 66 -13.23 -22.31 -11.95
C LEU G 66 -13.71 -20.87 -12.08
N LYS G 67 -15.01 -20.68 -12.28
CA LYS G 67 -15.58 -19.35 -12.46
C LYS G 67 -15.93 -18.63 -11.17
N SER G 68 -16.04 -19.38 -10.07
CA SER G 68 -16.40 -18.78 -8.80
C SER G 68 -16.16 -19.71 -7.63
N ARG G 69 -16.22 -19.13 -6.43
CA ARG G 69 -16.01 -19.92 -5.23
C ARG G 69 -17.07 -21.01 -5.10
N VAL G 70 -18.24 -20.79 -5.67
CA VAL G 70 -19.29 -21.80 -5.58
C VAL G 70 -18.86 -23.01 -6.41
N GLU G 71 -18.44 -22.75 -7.65
CA GLU G 71 -17.95 -23.83 -8.52
C GLU G 71 -16.83 -24.57 -7.79
N ALA G 72 -15.96 -23.81 -7.11
CA ALA G 72 -14.85 -24.42 -6.39
C ALA G 72 -15.35 -25.30 -5.25
N ALA G 73 -16.46 -24.89 -4.65
CA ALA G 73 -17.04 -25.62 -3.54
C ALA G 73 -17.73 -26.90 -4.03
N VAL G 74 -18.47 -26.79 -5.13
CA VAL G 74 -19.18 -27.93 -5.68
C VAL G 74 -18.16 -28.94 -6.23
N TRP G 75 -17.06 -28.44 -6.78
CA TRP G 75 -15.99 -29.29 -7.32
C TRP G 75 -15.38 -30.13 -6.20
N VAL G 76 -14.85 -29.45 -5.19
CA VAL G 76 -14.24 -30.15 -4.06
C VAL G 76 -15.15 -31.26 -3.54
N HIS G 77 -16.45 -30.99 -3.52
CA HIS G 77 -17.42 -31.96 -3.03
C HIS G 77 -17.74 -33.10 -3.97
N GLN G 78 -17.93 -32.80 -5.25
CA GLN G 78 -18.23 -33.86 -6.22
C GLN G 78 -17.02 -34.73 -6.52
N GLU G 79 -15.85 -34.10 -6.60
CA GLU G 79 -14.62 -34.82 -6.89
C GLU G 79 -14.07 -35.42 -5.61
N ARG G 80 -14.88 -35.43 -4.57
CA ARG G 80 -14.50 -36.02 -3.30
C ARG G 80 -13.09 -35.64 -2.83
N ILE G 81 -12.65 -34.44 -3.16
CA ILE G 81 -11.33 -33.98 -2.74
C ILE G 81 -11.35 -33.68 -1.25
N PHE G 82 -10.21 -33.79 -0.60
CA PHE G 82 -10.09 -33.53 0.84
C PHE G 82 -10.88 -34.52 1.70
N ARG H 17 -33.81 -28.13 9.47
CA ARG H 17 -33.38 -27.93 8.05
C ARG H 17 -33.99 -29.00 7.15
N ASP H 18 -35.18 -28.75 6.61
CA ASP H 18 -35.88 -29.70 5.74
C ASP H 18 -36.20 -29.08 4.39
N VAL H 19 -35.74 -29.74 3.32
CA VAL H 19 -35.95 -29.26 1.96
C VAL H 19 -37.40 -29.38 1.46
N ASN H 20 -38.22 -30.17 2.15
CA ASN H 20 -39.61 -30.35 1.76
C ASN H 20 -40.43 -29.12 2.13
N GLN H 21 -39.89 -28.33 3.04
CA GLN H 21 -40.52 -27.11 3.50
C GLN H 21 -40.50 -26.06 2.38
N LEU H 22 -39.57 -26.22 1.44
CA LEU H 22 -39.45 -25.28 0.32
C LEU H 22 -40.51 -25.52 -0.73
N THR H 23 -40.71 -24.54 -1.59
CA THR H 23 -41.68 -24.65 -2.66
C THR H 23 -40.99 -25.33 -3.82
N PRO H 24 -41.76 -25.77 -4.83
CA PRO H 24 -41.17 -26.44 -5.99
C PRO H 24 -40.13 -25.58 -6.70
N ARG H 25 -40.51 -24.34 -7.02
CA ARG H 25 -39.61 -23.44 -7.72
C ARG H 25 -38.35 -23.19 -6.90
N GLU H 26 -38.50 -23.08 -5.59
CA GLU H 26 -37.36 -22.86 -4.71
C GLU H 26 -36.41 -24.03 -4.78
N ARG H 27 -36.95 -25.25 -4.91
CA ARG H 27 -36.09 -26.41 -5.01
C ARG H 27 -35.40 -26.39 -6.36
N ASP H 28 -36.10 -25.89 -7.38
CA ASP H 28 -35.51 -25.79 -8.72
C ASP H 28 -34.23 -24.93 -8.62
N ILE H 29 -34.34 -23.81 -7.91
CA ILE H 29 -33.24 -22.88 -7.72
C ILE H 29 -32.08 -23.47 -6.91
N LEU H 30 -32.40 -24.16 -5.82
CA LEU H 30 -31.37 -24.74 -4.99
C LEU H 30 -30.59 -25.81 -5.77
N LYS H 31 -31.30 -26.60 -6.57
CA LYS H 31 -30.64 -27.63 -7.37
C LYS H 31 -29.63 -26.98 -8.30
N LEU H 32 -30.02 -25.89 -8.95
CA LEU H 32 -29.10 -25.25 -9.88
C LEU H 32 -27.92 -24.60 -9.15
N ILE H 33 -28.16 -24.12 -7.93
CA ILE H 33 -27.12 -23.49 -7.11
C ILE H 33 -26.11 -24.56 -6.68
N ALA H 34 -26.61 -25.74 -6.33
CA ALA H 34 -25.75 -26.83 -5.88
C ALA H 34 -24.86 -27.31 -7.03
N GLN H 35 -25.25 -26.96 -8.25
CA GLN H 35 -24.47 -27.31 -9.43
C GLN H 35 -23.54 -26.13 -9.76
N GLY H 36 -23.45 -25.18 -8.84
CA GLY H 36 -22.57 -24.03 -9.02
C GLY H 36 -22.92 -22.91 -9.99
N LEU H 37 -24.18 -22.77 -10.36
CA LEU H 37 -24.58 -21.74 -11.30
C LEU H 37 -24.93 -20.38 -10.67
N PRO H 38 -24.52 -19.29 -11.32
CA PRO H 38 -24.83 -17.96 -10.79
C PRO H 38 -26.29 -17.62 -11.17
N ASN H 39 -26.85 -16.60 -10.53
CA ASN H 39 -28.24 -16.21 -10.78
C ASN H 39 -28.58 -15.97 -12.25
N LYS H 40 -27.73 -15.24 -12.95
CA LYS H 40 -27.98 -14.98 -14.37
C LYS H 40 -28.16 -16.28 -15.17
N ILE H 42 -28.95 -19.27 -13.94
CA ILE H 42 -30.14 -19.96 -13.44
C ILE H 42 -31.38 -19.40 -14.14
N ALA H 43 -31.39 -18.10 -14.34
CA ALA H 43 -32.52 -17.45 -14.99
C ALA H 43 -32.70 -17.94 -16.43
N ARG H 44 -31.59 -18.09 -17.16
CA ARG H 44 -31.65 -18.55 -18.53
C ARG H 44 -32.03 -20.02 -18.64
N ARG H 45 -31.65 -20.81 -17.64
CA ARG H 45 -31.97 -22.22 -17.64
C ARG H 45 -33.47 -22.42 -17.36
N LEU H 46 -34.02 -21.56 -16.51
CA LEU H 46 -35.42 -21.63 -16.12
C LEU H 46 -36.31 -20.68 -16.93
N ASP H 47 -35.70 -19.93 -17.83
CA ASP H 47 -36.46 -19.00 -18.66
C ASP H 47 -37.29 -18.02 -17.82
N ILE H 48 -36.63 -17.37 -16.87
CA ILE H 48 -37.25 -16.36 -16.02
C ILE H 48 -36.19 -15.29 -15.83
N THR H 49 -36.58 -14.14 -15.28
CA THR H 49 -35.60 -13.06 -15.11
C THR H 49 -34.74 -13.28 -13.87
N GLU H 50 -33.61 -12.58 -13.82
CA GLU H 50 -32.71 -12.70 -12.68
C GLU H 50 -33.47 -12.24 -11.43
N SER H 51 -34.23 -11.17 -11.56
CA SER H 51 -35.00 -10.62 -10.46
C SER H 51 -35.81 -11.71 -9.75
N THR H 52 -36.49 -12.54 -10.54
CA THR H 52 -37.30 -13.61 -9.99
C THR H 52 -36.42 -14.68 -9.36
N VAL H 53 -35.26 -14.94 -9.96
CA VAL H 53 -34.38 -15.94 -9.38
C VAL H 53 -33.97 -15.43 -7.99
N LYS H 54 -33.53 -14.19 -7.92
CA LYS H 54 -33.10 -13.63 -6.64
C LYS H 54 -34.17 -13.77 -5.56
N VAL H 55 -35.42 -13.53 -5.92
CA VAL H 55 -36.53 -13.64 -4.98
C VAL H 55 -36.55 -15.06 -4.43
N HIS H 56 -36.54 -16.04 -5.32
CA HIS H 56 -36.52 -17.44 -4.89
C HIS H 56 -35.28 -17.73 -4.04
N VAL H 57 -34.13 -17.24 -4.46
CA VAL H 57 -32.92 -17.50 -3.69
C VAL H 57 -33.02 -16.99 -2.27
N LYS H 58 -33.42 -15.72 -2.11
CA LYS H 58 -33.51 -15.17 -0.77
C LYS H 58 -34.57 -15.84 0.09
N HIS H 59 -35.67 -16.27 -0.52
CA HIS H 59 -36.72 -16.96 0.24
C HIS H 59 -36.16 -18.29 0.71
N LEU H 61 -33.07 -19.13 1.15
CA LEU H 61 -32.02 -18.88 2.14
C LEU H 61 -32.59 -18.58 3.53
N LYS H 62 -33.70 -17.85 3.58
CA LYS H 62 -34.31 -17.54 4.86
C LYS H 62 -35.00 -18.77 5.45
N LYS H 63 -35.78 -19.46 4.64
CA LYS H 63 -36.49 -20.64 5.11
C LYS H 63 -35.54 -21.79 5.50
N LYS H 65 -32.47 -21.29 6.68
CA LYS H 65 -31.53 -20.82 7.69
C LYS H 65 -30.07 -20.82 7.23
N LEU H 66 -29.86 -20.53 5.94
CA LEU H 66 -28.52 -20.49 5.37
C LEU H 66 -28.06 -19.05 5.21
N LYS H 67 -26.76 -18.85 5.36
CA LYS H 67 -26.15 -17.53 5.26
C LYS H 67 -25.89 -17.10 3.83
N SER H 68 -25.56 -18.05 2.97
CA SER H 68 -25.25 -17.73 1.58
C SER H 68 -25.50 -18.90 0.66
N ARG H 69 -25.47 -18.63 -0.65
CA ARG H 69 -25.69 -19.68 -1.63
C ARG H 69 -24.58 -20.77 -1.55
N VAL H 70 -23.40 -20.42 -1.04
CA VAL H 70 -22.34 -21.43 -0.95
C VAL H 70 -22.72 -22.41 0.16
N GLU H 71 -23.17 -21.87 1.29
CA GLU H 71 -23.62 -22.73 2.40
C GLU H 71 -24.69 -23.65 1.81
N ALA H 72 -25.56 -23.06 0.99
CA ALA H 72 -26.64 -23.82 0.39
C ALA H 72 -26.07 -24.92 -0.49
N ALA H 73 -25.03 -24.60 -1.24
CA ALA H 73 -24.41 -25.55 -2.13
C ALA H 73 -23.73 -26.67 -1.35
N VAL H 74 -23.00 -26.29 -0.32
CA VAL H 74 -22.28 -27.24 0.50
C VAL H 74 -23.27 -28.12 1.27
N TRP H 75 -24.33 -27.51 1.79
CA TRP H 75 -25.35 -28.26 2.52
C TRP H 75 -25.89 -29.35 1.61
N VAL H 76 -26.35 -28.97 0.42
CA VAL H 76 -26.91 -29.91 -0.55
C VAL H 76 -26.01 -31.13 -0.83
N HIS H 77 -24.71 -30.92 -0.83
CA HIS H 77 -23.79 -32.02 -1.10
C HIS H 77 -23.50 -32.87 0.13
N GLN H 78 -23.33 -32.24 1.28
CA GLN H 78 -23.07 -32.98 2.51
C GLN H 78 -24.25 -33.88 2.87
N GLU H 79 -25.43 -33.28 3.03
CA GLU H 79 -26.63 -34.01 3.39
C GLU H 79 -27.24 -34.75 2.20
N ARG H 80 -26.54 -34.75 1.07
CA ARG H 80 -27.02 -35.41 -0.13
C ARG H 80 -28.51 -35.17 -0.35
N ILE H 81 -28.91 -33.90 -0.23
CA ILE H 81 -30.30 -33.52 -0.40
C ILE H 81 -30.86 -33.96 -1.75
N PHE H 82 -29.97 -34.12 -2.73
CA PHE H 82 -30.37 -34.54 -4.07
C PHE H 82 -29.40 -35.62 -4.57
#